data_2V8F
#
_entry.id   2V8F
#
_cell.length_a   38.380
_cell.length_b   37.270
_cell.length_c   88.750
_cell.angle_alpha   90.00
_cell.angle_beta   98.58
_cell.angle_gamma   90.00
#
_symmetry.space_group_name_H-M   'P 1 21 1'
#
loop_
_entity.id
_entity.type
_entity.pdbx_description
1 polymer PROFILIN-2
2 polymer 'PROTEIN DIAPHANOUS HOMOLOG 1'
3 non-polymer 'SULFATE ION'
4 non-polymer 'SODIUM ION'
5 non-polymer GLYCEROL
6 non-polymer 'ISOPROPYL ALCOHOL'
7 water water
#
loop_
_entity_poly.entity_id
_entity_poly.type
_entity_poly.pdbx_seq_one_letter_code
_entity_poly.pdbx_strand_id
1 'polypeptide(L)'
;MAGWQSYVDNLMCDGC(CSX)QEAAIVGYCDAKYVWAATAGGVFQSITPVEIDMIVGKDREGFFTNGLTLGAKKCSVIRD
SLYVDGDCTMDIRTKSQGGEPTYNVAVGRAGRVLVFVMGKEGVHGGGLNKKAYSMAKYLRDSGF
;
A,B
2 'polypeptide(L)' IPPPPPLPGVASIPPPPPLPG C
#
# COMPACT_ATOMS: atom_id res chain seq x y z
N ALA A 2 -4.25 9.84 -7.79
N ALA A 2 -5.40 11.96 -7.35
CA ALA A 2 -4.46 10.88 -6.80
CA ALA A 2 -4.20 12.68 -6.96
C ALA A 2 -3.64 10.66 -5.53
C ALA A 2 -4.09 12.85 -5.44
N GLY A 3 -3.59 11.79 -4.81
CA GLY A 3 -3.11 11.79 -3.44
C GLY A 3 -3.98 10.92 -2.56
N TRP A 4 -5.20 10.63 -3.00
CA TRP A 4 -6.02 9.75 -2.16
C TRP A 4 -5.44 8.35 -2.12
N GLN A 5 -4.57 7.98 -3.05
CA GLN A 5 -3.96 6.64 -2.96
C GLN A 5 -3.14 6.48 -1.68
N SER A 6 -2.60 7.57 -1.16
CA SER A 6 -1.88 7.47 0.12
C SER A 6 -2.76 6.99 1.26
N TYR A 7 -4.06 7.33 1.15
CA TYR A 7 -4.99 6.82 2.19
C TYR A 7 -5.20 5.32 2.06
N VAL A 8 -5.31 4.85 0.83
CA VAL A 8 -5.32 3.41 0.61
C VAL A 8 -4.06 2.77 1.17
N ASP A 9 -2.92 3.36 0.87
CA ASP A 9 -1.64 2.83 1.40
C ASP A 9 -1.70 2.68 2.92
N ASN A 10 -2.18 3.71 3.59
CA ASN A 10 -2.23 3.75 5.03
C ASN A 10 -3.12 2.62 5.54
N LEU A 11 -4.25 2.43 4.88
CA LEU A 11 -5.21 1.41 5.34
C LEU A 11 -4.66 0.01 5.12
N MET A 12 -3.77 -0.15 4.15
CA MET A 12 -3.15 -1.42 3.83
C MET A 12 -1.86 -1.71 4.62
N CYS A 13 -1.32 -0.71 5.31
CA CYS A 13 0.05 -0.90 5.78
C CYS A 13 0.21 -1.99 6.82
N ASP A 14 -0.84 -2.31 7.59
CA ASP A 14 -0.60 -3.25 8.69
C ASP A 14 -0.64 -4.71 8.25
N GLY A 15 -0.84 -4.96 6.97
CA GLY A 15 -0.89 -6.28 6.41
C GLY A 15 -2.17 -7.05 6.71
N CYS A 16 -3.17 -6.43 7.36
CA CYS A 16 -4.37 -7.25 7.67
C CYS A 16 -5.47 -7.09 6.63
N GLN A 18 -6.91 -6.99 2.61
CA GLN A 18 -6.81 -7.43 1.24
C GLN A 18 -7.02 -6.30 0.25
N GLU A 19 -7.84 -5.32 0.61
CA GLU A 19 -8.06 -4.12 -0.19
C GLU A 19 -8.63 -3.00 0.65
N ALA A 20 -8.53 -1.80 0.12
CA ALA A 20 -9.08 -0.60 0.77
C ALA A 20 -9.48 0.37 -0.30
N ALA A 21 -10.35 1.31 0.07
CA ALA A 21 -10.81 2.31 -0.86
C ALA A 21 -11.33 3.56 -0.16
N ILE A 22 -11.22 4.67 -0.86
CA ILE A 22 -11.86 5.92 -0.55
C ILE A 22 -12.87 6.20 -1.63
N VAL A 23 -14.13 6.42 -1.25
CA VAL A 23 -15.26 6.49 -2.16
C VAL A 23 -16.13 7.69 -1.83
N GLY A 24 -16.33 8.64 -2.75
CA GLY A 24 -17.23 9.72 -2.49
C GLY A 24 -18.67 9.20 -2.44
N TYR A 25 -19.49 9.90 -1.64
CA TYR A 25 -20.90 9.49 -1.61
C TYR A 25 -21.86 10.66 -1.84
N CYS A 26 -21.34 11.84 -2.14
CA CYS A 26 -22.15 13.05 -2.30
C CYS A 26 -22.26 13.41 -3.79
N ASP A 27 -21.61 14.48 -4.24
CA ASP A 27 -21.67 14.85 -5.66
C ASP A 27 -20.71 13.95 -6.45
N ALA A 28 -19.50 13.78 -5.96
CA ALA A 28 -18.46 12.98 -6.62
C ALA A 28 -18.66 11.54 -6.14
N LYS A 29 -19.82 11.00 -6.46
CA LYS A 29 -20.34 9.75 -5.93
C LYS A 29 -19.81 8.59 -6.78
N TYR A 30 -18.58 8.23 -6.50
CA TYR A 30 -17.83 7.21 -7.24
C TYR A 30 -16.53 6.97 -6.48
N VAL A 31 -15.84 5.92 -6.85
CA VAL A 31 -14.56 5.56 -6.27
C VAL A 31 -13.54 6.68 -6.54
N TRP A 32 -12.83 7.11 -5.48
CA TRP A 32 -11.77 8.05 -5.62
C TRP A 32 -10.40 7.40 -5.70
N ALA A 33 -10.21 6.37 -4.89
CA ALA A 33 -8.94 5.61 -4.91
C ALA A 33 -9.28 4.23 -4.35
N ALA A 34 -8.68 3.19 -4.90
CA ALA A 34 -8.88 1.86 -4.41
C ALA A 34 -7.71 0.94 -4.76
N THR A 35 -7.54 -0.11 -3.99
CA THR A 35 -6.64 -1.21 -4.35
C THR A 35 -6.95 -1.73 -5.74
N ALA A 36 -5.97 -1.87 -6.61
CA ALA A 36 -6.18 -2.39 -7.94
C ALA A 36 -6.52 -3.86 -7.84
N GLY A 37 -7.49 -4.31 -8.62
CA GLY A 37 -7.74 -5.73 -8.84
C GLY A 37 -8.72 -6.31 -7.84
N GLY A 38 -9.18 -5.46 -6.95
CA GLY A 38 -10.16 -5.79 -5.93
C GLY A 38 -11.59 -5.55 -6.40
N VAL A 39 -12.51 -5.93 -5.53
CA VAL A 39 -13.89 -5.59 -5.84
C VAL A 39 -14.18 -4.11 -5.59
N PHE A 40 -13.43 -3.50 -4.69
CA PHE A 40 -13.73 -2.11 -4.35
C PHE A 40 -13.54 -1.15 -5.53
N GLN A 41 -12.58 -1.48 -6.38
CA GLN A 41 -12.34 -0.60 -7.51
C GLN A 41 -13.54 -0.54 -8.43
N SER A 42 -14.44 -1.54 -8.42
CA SER A 42 -15.63 -1.51 -9.27
C SER A 42 -16.91 -1.19 -8.50
N ILE A 43 -16.81 -0.60 -7.32
CA ILE A 43 -18.04 -0.11 -6.69
C ILE A 43 -18.69 0.91 -7.61
N THR A 44 -20.01 0.88 -7.70
CA THR A 44 -20.81 1.75 -8.55
C THR A 44 -21.61 2.79 -7.78
N PRO A 45 -22.02 3.86 -8.45
CA PRO A 45 -22.91 4.82 -7.77
C PRO A 45 -24.16 4.21 -7.17
N VAL A 46 -24.82 3.27 -7.84
CA VAL A 46 -26.00 2.69 -7.22
C VAL A 46 -25.62 1.84 -6.00
N GLU A 47 -24.47 1.19 -6.00
CA GLU A 47 -24.05 0.53 -4.78
C GLU A 47 -23.74 1.47 -3.65
N ILE A 48 -23.14 2.61 -3.94
CA ILE A 48 -22.95 3.65 -2.95
C ILE A 48 -24.28 4.15 -2.36
N ASP A 49 -25.27 4.42 -3.23
CA ASP A 49 -26.58 4.87 -2.78
C ASP A 49 -27.14 3.84 -1.80
N MET A 50 -26.94 2.54 -2.04
CA MET A 50 -27.49 1.53 -1.12
C MET A 50 -26.82 1.63 0.25
N ILE A 51 -25.51 1.82 0.25
CA ILE A 51 -24.78 1.96 1.50
C ILE A 51 -25.25 3.19 2.28
N VAL A 52 -25.45 4.32 1.65
CA VAL A 52 -25.70 5.57 2.38
C VAL A 52 -27.16 6.02 2.43
N GLY A 53 -28.07 5.31 1.78
CA GLY A 53 -29.42 5.83 1.59
C GLY A 53 -30.30 5.79 2.81
N LYS A 54 -31.49 6.33 2.59
CA LYS A 54 -32.44 6.49 3.69
C LYS A 54 -32.98 5.16 4.19
N ASP A 55 -33.05 4.21 3.29
CA ASP A 55 -33.55 2.91 3.73
C ASP A 55 -32.46 2.13 4.42
N ARG A 56 -32.60 1.92 5.74
CA ARG A 56 -31.62 1.26 6.56
C ARG A 56 -32.11 -0.16 6.88
N GLU A 57 -33.09 -0.64 6.12
CA GLU A 57 -33.69 -1.95 6.38
C GLU A 57 -33.53 -2.93 5.24
N GLY A 58 -33.72 -2.47 4.01
CA GLY A 58 -33.74 -3.35 2.87
C GLY A 58 -32.51 -4.22 2.72
N PHE A 59 -31.35 -3.63 2.98
CA PHE A 59 -30.13 -4.42 2.78
C PHE A 59 -30.06 -5.57 3.77
N PHE A 60 -30.85 -5.61 4.84
CA PHE A 60 -30.78 -6.73 5.75
C PHE A 60 -31.51 -7.91 5.13
N THR A 61 -32.52 -7.55 4.32
CA THR A 61 -33.35 -8.53 3.66
C THR A 61 -32.81 -8.98 2.32
N ASN A 62 -32.22 -8.03 1.59
CA ASN A 62 -31.90 -8.23 0.17
C ASN A 62 -30.40 -8.33 -0.06
N GLY A 63 -29.61 -8.09 0.99
CA GLY A 63 -28.15 -7.98 0.92
C GLY A 63 -27.79 -6.72 0.16
N LEU A 64 -26.52 -6.60 -0.18
CA LEU A 64 -26.09 -5.56 -1.08
C LEU A 64 -24.90 -6.08 -1.87
N THR A 65 -24.48 -5.34 -2.89
CA THR A 65 -23.25 -5.75 -3.59
C THR A 65 -22.21 -4.64 -3.49
N LEU A 66 -20.94 -5.02 -3.60
CA LEU A 66 -19.82 -4.11 -3.72
C LEU A 66 -19.04 -4.63 -4.91
N GLY A 67 -18.90 -3.81 -5.93
CA GLY A 67 -18.18 -4.27 -7.11
C GLY A 67 -18.86 -5.51 -7.67
N ALA A 68 -20.18 -5.60 -7.57
CA ALA A 68 -21.02 -6.69 -8.02
C ALA A 68 -20.86 -7.98 -7.19
N LYS A 69 -20.01 -7.88 -6.16
CA LYS A 69 -19.87 -9.04 -5.26
C LYS A 69 -21.00 -9.03 -4.22
N LYS A 70 -21.74 -10.12 -4.11
CA LYS A 70 -22.80 -10.23 -3.08
C LYS A 70 -22.22 -10.25 -1.67
N CYS A 71 -22.80 -9.44 -0.82
CA CYS A 71 -22.45 -9.30 0.58
C CYS A 71 -23.70 -9.26 1.44
N SER A 72 -23.47 -9.48 2.73
CA SER A 72 -24.39 -9.36 3.84
C SER A 72 -24.05 -8.18 4.73
N VAL A 73 -25.06 -7.52 5.27
CA VAL A 73 -24.88 -6.47 6.27
C VAL A 73 -24.94 -7.09 7.67
N ILE A 74 -23.88 -6.90 8.40
CA ILE A 74 -23.75 -7.44 9.74
C ILE A 74 -24.17 -6.46 10.83
N ARG A 75 -23.84 -5.21 10.65
CA ARG A 75 -24.22 -4.16 11.62
C ARG A 75 -24.26 -2.85 10.87
N ASP A 76 -25.29 -2.08 11.12
CA ASP A 76 -25.44 -0.76 10.52
C ASP A 76 -25.44 0.33 11.59
N SER A 77 -24.38 1.07 11.70
CA SER A 77 -24.28 2.24 12.58
C SER A 77 -23.88 3.46 11.76
N LEU A 78 -24.22 3.46 10.46
CA LEU A 78 -23.64 4.47 9.57
C LEU A 78 -24.06 5.91 9.91
N TYR A 79 -25.26 5.99 10.50
CA TYR A 79 -25.82 7.27 10.93
C TYR A 79 -25.99 7.33 12.45
N VAL A 80 -25.18 6.61 13.20
CA VAL A 80 -25.08 6.62 14.65
C VAL A 80 -23.96 7.59 15.01
N ASP A 81 -24.38 8.63 15.75
CA ASP A 81 -23.41 9.66 16.03
C ASP A 81 -22.26 9.08 16.83
N GLY A 82 -21.05 9.50 16.45
CA GLY A 82 -19.88 9.06 17.19
C GLY A 82 -19.43 7.69 16.78
N ASP A 83 -20.09 7.16 15.75
CA ASP A 83 -19.70 5.82 15.28
C ASP A 83 -19.53 5.90 13.76
N CYS A 84 -20.63 5.98 13.03
CA CYS A 84 -20.61 6.21 11.60
C CYS A 84 -19.92 5.07 10.83
N THR A 85 -20.14 3.83 11.26
CA THR A 85 -19.60 2.67 10.60
C THR A 85 -20.72 1.72 10.22
N MET A 86 -20.39 0.82 9.27
CA MET A 86 -21.14 -0.37 9.02
C MET A 86 -20.18 -1.54 8.85
N ASP A 87 -20.62 -2.69 9.28
CA ASP A 87 -19.91 -3.93 9.13
C ASP A 87 -20.63 -4.81 8.14
N ILE A 88 -19.82 -5.33 7.20
CA ILE A 88 -20.33 -6.12 6.10
C ILE A 88 -19.53 -7.41 5.97
N ARG A 89 -20.05 -8.40 5.28
CA ARG A 89 -19.26 -9.62 5.01
C ARG A 89 -19.58 -10.11 3.62
N THR A 90 -18.54 -10.51 2.87
CA THR A 90 -18.86 -11.08 1.55
C THR A 90 -19.63 -12.37 1.75
N LYS A 91 -20.45 -12.73 0.76
CA LYS A 91 -21.07 -14.07 0.64
C LYS A 91 -20.19 -15.08 -0.08
N SER A 92 -20.21 -16.31 0.41
CA SER A 92 -19.40 -17.38 -0.14
C SER A 92 -20.09 -18.04 -1.32
N GLN A 93 -19.58 -17.83 -2.51
CA GLN A 93 -20.34 -18.14 -3.70
C GLN A 93 -20.49 -19.64 -3.71
N GLY A 94 -19.43 -20.32 -3.30
CA GLY A 94 -19.53 -21.66 -2.83
C GLY A 94 -19.22 -21.86 -1.37
N GLY A 95 -17.93 -22.00 -1.10
CA GLY A 95 -17.00 -22.21 -2.21
C GLY A 95 -15.65 -21.63 -1.91
N GLU A 96 -15.69 -20.38 -1.52
CA GLU A 96 -14.52 -19.63 -1.17
C GLU A 96 -14.80 -19.15 0.23
N PRO A 97 -13.76 -18.83 0.96
CA PRO A 97 -13.84 -18.06 2.19
C PRO A 97 -14.68 -16.81 2.05
N THR A 98 -15.14 -16.33 3.18
CA THR A 98 -15.77 -15.04 3.32
C THR A 98 -14.72 -14.04 3.83
N TYR A 99 -14.96 -12.77 3.53
CA TYR A 99 -14.09 -11.71 3.99
C TYR A 99 -14.95 -10.64 4.64
N ASN A 100 -14.44 -10.13 5.75
CA ASN A 100 -15.12 -9.05 6.46
C ASN A 100 -14.74 -7.72 5.84
N VAL A 101 -15.73 -6.83 5.81
CA VAL A 101 -15.61 -5.49 5.30
C VAL A 101 -16.09 -4.49 6.35
N ALA A 102 -15.38 -3.39 6.56
CA ALA A 102 -15.87 -2.31 7.38
C ALA A 102 -15.95 -1.04 6.51
N VAL A 103 -16.95 -0.21 6.74
CA VAL A 103 -17.15 1.07 6.13
C VAL A 103 -17.26 2.16 7.19
N GLY A 104 -16.54 3.24 7.01
CA GLY A 104 -16.59 4.40 7.84
C GLY A 104 -17.12 5.58 7.02
N ARG A 105 -18.05 6.37 7.53
CA ARG A 105 -18.63 7.49 6.80
C ARG A 105 -18.14 8.80 7.38
N ALA A 106 -17.39 9.55 6.59
CA ALA A 106 -17.07 10.95 6.87
C ALA A 106 -18.14 11.84 6.23
N GLY A 107 -17.89 13.13 6.08
CA GLY A 107 -18.83 14.04 5.56
C GLY A 107 -19.04 13.93 4.05
N ARG A 108 -17.96 13.67 3.33
CA ARG A 108 -17.91 13.63 1.89
C ARG A 108 -17.59 12.26 1.30
N VAL A 109 -16.90 11.44 2.09
CA VAL A 109 -16.33 10.20 1.63
C VAL A 109 -16.65 9.05 2.59
N LEU A 110 -16.58 7.86 2.06
CA LEU A 110 -16.61 6.59 2.70
C LEU A 110 -15.23 5.93 2.65
N VAL A 111 -14.86 5.32 3.76
CA VAL A 111 -13.68 4.52 3.90
C VAL A 111 -14.07 3.06 3.88
N PHE A 112 -13.55 2.27 2.96
CA PHE A 112 -13.77 0.83 2.90
C PHE A 112 -12.47 0.08 3.18
N VAL A 113 -12.58 -0.97 4.00
CA VAL A 113 -11.50 -1.92 4.18
C VAL A 113 -12.07 -3.32 4.07
N MET A 114 -11.32 -4.24 3.50
CA MET A 114 -11.59 -5.66 3.48
C MET A 114 -10.45 -6.42 4.14
N GLY A 115 -10.80 -7.26 5.13
CA GLY A 115 -9.69 -8.04 5.74
C GLY A 115 -9.30 -9.17 4.81
N LYS A 116 -8.06 -9.60 5.04
CA LYS A 116 -7.62 -10.89 4.49
C LYS A 116 -8.43 -12.04 5.09
N GLU A 117 -8.25 -13.20 4.47
CA GLU A 117 -8.90 -14.38 5.01
C GLU A 117 -8.53 -14.57 6.48
N GLY A 118 -9.58 -14.77 7.27
CA GLY A 118 -9.45 -15.03 8.69
C GLY A 118 -9.32 -13.81 9.56
N VAL A 119 -9.27 -12.62 8.98
CA VAL A 119 -9.19 -11.41 9.75
C VAL A 119 -10.58 -10.99 10.18
N HIS A 120 -10.78 -10.84 11.47
CA HIS A 120 -12.11 -10.59 12.01
C HIS A 120 -12.49 -9.12 11.87
N GLY A 121 -13.78 -8.86 12.06
CA GLY A 121 -14.30 -7.54 11.84
C GLY A 121 -14.11 -6.45 12.84
N GLY A 122 -13.75 -6.75 14.09
CA GLY A 122 -13.55 -5.72 15.09
C GLY A 122 -12.43 -4.75 14.77
N GLY A 123 -11.26 -5.29 14.45
CA GLY A 123 -10.08 -4.54 14.09
C GLY A 123 -10.32 -3.71 12.83
N LEU A 124 -11.04 -4.32 11.90
CA LEU A 124 -11.36 -3.60 10.68
C LEU A 124 -12.28 -2.42 10.98
N ASN A 125 -13.26 -2.61 11.86
CA ASN A 125 -14.16 -1.54 12.24
C ASN A 125 -13.39 -0.39 12.85
N LYS A 126 -12.43 -0.69 13.72
CA LYS A 126 -11.66 0.36 14.38
C LYS A 126 -10.89 1.14 13.35
N LYS A 127 -10.29 0.46 12.37
CA LYS A 127 -9.57 1.11 11.29
C LYS A 127 -10.44 2.07 10.48
N ALA A 128 -11.62 1.58 10.08
CA ALA A 128 -12.55 2.40 9.33
C ALA A 128 -13.05 3.60 10.14
N TYR A 129 -13.41 3.33 11.38
CA TYR A 129 -13.83 4.37 12.30
C TYR A 129 -12.78 5.47 12.39
N SER A 130 -11.55 5.08 12.70
CA SER A 130 -10.53 6.10 12.99
C SER A 130 -10.22 6.92 11.76
N MET A 131 -10.20 6.28 10.59
CA MET A 131 -9.89 7.06 9.42
C MET A 131 -11.06 7.97 9.03
N ALA A 132 -12.28 7.46 9.22
CA ALA A 132 -13.42 8.32 8.91
C ALA A 132 -13.51 9.51 9.84
N LYS A 133 -13.15 9.29 11.09
CA LYS A 133 -13.11 10.40 12.06
C LYS A 133 -12.05 11.43 11.71
N TYR A 134 -10.83 10.98 11.38
CA TYR A 134 -9.75 11.85 10.91
C TYR A 134 -10.23 12.71 9.75
N LEU A 135 -10.87 12.07 8.78
CA LEU A 135 -11.31 12.79 7.59
C LEU A 135 -12.44 13.76 7.91
N ARG A 136 -13.39 13.34 8.75
CA ARG A 136 -14.45 14.28 9.13
C ARG A 136 -13.84 15.54 9.71
N ASP A 137 -12.87 15.40 10.61
CA ASP A 137 -12.32 16.54 11.32
C ASP A 137 -11.51 17.42 10.41
N SER A 138 -11.08 16.93 9.26
CA SER A 138 -10.32 17.72 8.31
C SER A 138 -11.24 18.36 7.28
N GLY A 139 -12.55 18.18 7.40
CA GLY A 139 -13.53 18.73 6.49
C GLY A 139 -14.02 17.83 5.39
N PHE A 140 -13.66 16.55 5.42
CA PHE A 140 -13.99 15.57 4.40
C PHE A 140 -15.02 14.59 4.91
N ALA B 2 -0.23 11.34 -8.59
CA ALA B 2 0.56 10.10 -8.51
C ALA B 2 1.87 10.27 -7.76
N GLY B 3 2.60 11.32 -8.14
CA GLY B 3 3.83 11.59 -7.43
C GLY B 3 4.83 10.47 -7.49
N TRP B 4 5.39 10.02 -6.35
CA TRP B 4 6.41 9.00 -6.43
C TRP B 4 5.82 7.64 -6.77
N GLN B 5 4.49 7.50 -6.66
CA GLN B 5 3.83 6.28 -7.09
C GLN B 5 4.14 5.93 -8.53
N SER B 6 4.32 6.92 -9.39
CA SER B 6 4.61 6.63 -10.79
C SER B 6 5.96 5.93 -10.94
N TYR B 7 6.90 6.25 -10.07
CA TYR B 7 8.19 5.58 -10.08
C TYR B 7 8.05 4.15 -9.60
N VAL B 8 7.29 3.89 -8.53
CA VAL B 8 6.97 2.53 -8.15
C VAL B 8 6.38 1.76 -9.33
N ASP B 9 5.41 2.39 -10.02
CA ASP B 9 4.75 1.71 -11.13
C ASP B 9 5.70 1.40 -12.26
N ASN B 10 6.63 2.30 -12.55
CA ASN B 10 7.60 1.99 -13.58
C ASN B 10 8.44 0.80 -13.18
N LEU B 11 8.80 0.67 -11.90
CA LEU B 11 9.60 -0.43 -11.44
C LEU B 11 8.84 -1.76 -11.56
N MET B 12 7.53 -1.72 -11.44
CA MET B 12 6.70 -2.91 -11.38
C MET B 12 6.15 -3.34 -12.74
N CYS B 13 6.29 -2.53 -13.76
CA CYS B 13 5.51 -2.74 -14.97
C CYS B 13 6.04 -3.85 -15.85
N ASP B 14 7.27 -4.28 -15.71
CA ASP B 14 7.68 -5.41 -16.58
C ASP B 14 7.34 -6.76 -15.96
N GLY B 15 6.67 -6.80 -14.83
CA GLY B 15 6.12 -8.00 -14.24
C GLY B 15 7.04 -8.82 -13.42
N CYS B 16 8.35 -8.51 -13.39
CA CYS B 16 9.25 -9.41 -12.68
C CYS B 16 9.31 -9.20 -11.19
N GLN B 18 7.66 -8.35 -7.31
CA GLN B 18 6.46 -8.45 -6.47
C GLN B 18 6.31 -7.18 -5.63
N GLU B 19 7.31 -6.35 -5.44
CA GLU B 19 7.13 -5.03 -4.82
C GLU B 19 8.29 -4.11 -5.16
N ALA B 20 8.08 -2.82 -4.93
CA ALA B 20 9.05 -1.78 -5.20
C ALA B 20 8.82 -0.61 -4.28
N ALA B 21 9.84 0.19 -4.08
CA ALA B 21 9.73 1.31 -3.21
C ALA B 21 10.73 2.39 -3.57
N ILE B 22 10.40 3.63 -3.22
CA ILE B 22 11.27 4.80 -3.23
C ILE B 22 11.40 5.29 -1.78
N VAL B 23 12.64 5.39 -1.29
CA VAL B 23 12.88 5.61 0.14
C VAL B 23 13.90 6.68 0.31
N GLY B 24 13.62 7.74 1.01
CA GLY B 24 14.64 8.78 1.23
C GLY B 24 15.69 8.35 2.25
N TYR B 25 16.88 8.93 2.12
CA TYR B 25 17.88 8.64 3.10
C TYR B 25 18.56 9.92 3.61
N CYS B 26 18.06 11.08 3.25
CA CYS B 26 18.63 12.36 3.65
C CYS B 26 17.68 13.12 4.59
N ASP B 27 17.01 14.21 4.21
CA ASP B 27 16.14 14.94 5.14
C ASP B 27 14.89 14.18 5.57
N ALA B 28 14.28 13.55 4.57
CA ALA B 28 13.07 12.79 4.63
C ALA B 28 13.45 11.32 4.64
N LYS B 29 14.05 10.85 5.74
CA LYS B 29 14.57 9.51 5.83
C LYS B 29 13.51 8.51 6.28
N TYR B 30 12.70 8.13 5.29
CA TYR B 30 11.59 7.23 5.46
C TYR B 30 11.07 6.85 4.06
N VAL B 31 10.15 5.91 4.01
CA VAL B 31 9.57 5.47 2.75
C VAL B 31 8.69 6.57 2.14
N TRP B 32 8.93 6.89 0.88
CA TRP B 32 8.15 7.89 0.15
C TRP B 32 7.00 7.28 -0.64
N ALA B 33 7.21 6.11 -1.26
CA ALA B 33 6.18 5.37 -1.95
C ALA B 33 6.58 3.91 -1.99
N ALA B 34 5.61 3.00 -1.89
CA ALA B 34 5.90 1.59 -1.93
C ALA B 34 4.63 0.80 -2.27
N THR B 35 4.83 -0.37 -2.84
CA THR B 35 3.74 -1.30 -3.07
C THR B 35 2.95 -1.47 -1.77
N ALA B 36 1.63 -1.29 -1.80
CA ALA B 36 0.84 -1.31 -0.61
C ALA B 36 0.82 -2.71 -0.01
N GLY B 37 0.95 -2.76 1.30
CA GLY B 37 0.79 -3.93 2.13
C GLY B 37 1.94 -4.90 2.05
N GLY B 38 3.06 -4.49 1.43
CA GLY B 38 4.22 -5.36 1.40
C GLY B 38 5.25 -5.09 2.46
N VAL B 39 6.45 -5.67 2.29
CA VAL B 39 7.54 -5.54 3.19
C VAL B 39 8.16 -4.18 3.12
N PHE B 40 8.40 -3.68 1.90
CA PHE B 40 9.11 -2.43 1.81
C PHE B 40 8.42 -1.22 2.45
N GLN B 41 7.07 -1.24 2.41
CA GLN B 41 6.33 -0.13 3.01
C GLN B 41 6.64 -0.01 4.50
N SER B 42 7.08 -1.10 5.12
CA SER B 42 7.41 -1.18 6.52
C SER B 42 8.89 -0.92 6.85
N ILE B 43 9.72 -0.57 5.87
CA ILE B 43 11.10 -0.24 6.15
C ILE B 43 11.17 0.91 7.14
N THR B 44 12.05 0.79 8.13
CA THR B 44 12.21 1.77 9.19
C THR B 44 13.43 2.67 8.97
N PRO B 45 13.42 3.82 9.61
CA PRO B 45 14.63 4.66 9.55
C PRO B 45 15.88 3.95 9.99
N VAL B 46 15.77 3.09 11.01
CA VAL B 46 16.91 2.33 11.50
C VAL B 46 17.41 1.36 10.42
N GLU B 47 16.50 0.73 9.70
CA GLU B 47 16.90 -0.15 8.61
C GLU B 47 17.55 0.64 7.48
N ILE B 48 17.04 1.82 7.19
CA ILE B 48 17.67 2.71 6.20
C ILE B 48 19.10 2.97 6.62
N ASP B 49 19.30 3.32 7.89
CA ASP B 49 20.63 3.64 8.40
C ASP B 49 21.55 2.47 8.18
N MET B 50 21.09 1.24 8.34
CA MET B 50 21.94 0.08 8.13
C MET B 50 22.29 -0.01 6.65
N ILE B 51 21.36 0.21 5.75
CA ILE B 51 21.66 0.16 4.32
C ILE B 51 22.67 1.18 3.89
N VAL B 52 22.58 2.42 4.45
CA VAL B 52 23.45 3.48 3.93
C VAL B 52 24.62 3.81 4.87
N GLY B 53 24.80 3.09 5.96
CA GLY B 53 25.81 3.46 6.96
C GLY B 53 27.22 3.19 6.50
N LYS B 54 28.15 3.67 7.31
CA LYS B 54 29.58 3.58 7.00
C LYS B 54 30.08 2.15 7.11
N ASP B 55 29.45 1.38 7.99
CA ASP B 55 29.91 0.00 8.19
C ASP B 55 29.39 -0.86 7.02
N ARG B 56 30.28 -1.29 6.14
CA ARG B 56 29.90 -2.08 4.97
C ARG B 56 30.19 -3.57 5.15
N GLU B 57 30.43 -4.04 6.37
CA GLU B 57 30.83 -5.45 6.60
C GLU B 57 29.96 -6.23 7.54
N GLY B 58 29.45 -5.57 8.55
CA GLY B 58 28.65 -6.27 9.55
C GLY B 58 27.47 -6.99 8.93
N PHE B 59 26.81 -6.38 7.93
CA PHE B 59 25.61 -6.99 7.37
C PHE B 59 25.94 -8.23 6.56
N PHE B 60 27.17 -8.51 6.15
CA PHE B 60 27.49 -9.81 5.57
C PHE B 60 27.43 -10.92 6.60
N THR B 61 28.06 -10.68 7.76
CA THR B 61 28.04 -11.68 8.80
C THR B 61 26.68 -11.74 9.48
N ASN B 62 26.02 -10.60 9.69
CA ASN B 62 24.82 -10.44 10.50
C ASN B 62 23.48 -10.45 9.77
N GLY B 63 23.56 -10.21 8.47
CA GLY B 63 22.37 -9.93 7.70
C GLY B 63 21.82 -8.58 8.06
N LEU B 64 20.62 -8.31 7.60
CA LEU B 64 19.96 -7.05 7.96
C LEU B 64 18.47 -7.38 7.90
N THR B 65 17.64 -6.42 8.31
CA THR B 65 16.21 -6.58 8.12
C THR B 65 15.70 -5.47 7.20
N LEU B 66 14.61 -5.78 6.54
CA LEU B 66 13.79 -4.84 5.81
C LEU B 66 12.32 -5.11 6.21
N GLY B 67 11.71 -4.07 6.78
CA GLY B 67 10.35 -4.30 7.27
C GLY B 67 10.29 -5.43 8.34
N ALA B 68 11.35 -5.61 9.09
CA ALA B 68 11.50 -6.60 10.12
C ALA B 68 11.80 -7.99 9.52
N LYS B 69 11.87 -8.13 8.22
CA LYS B 69 12.12 -9.41 7.57
C LYS B 69 13.60 -9.62 7.46
N LYS B 70 14.12 -10.76 7.91
CA LYS B 70 15.54 -11.05 7.88
C LYS B 70 15.96 -11.30 6.43
N CYS B 71 17.08 -10.67 6.10
CA CYS B 71 17.69 -10.76 4.82
C CYS B 71 19.20 -10.93 4.94
N SER B 72 19.78 -11.44 3.86
CA SER B 72 21.19 -11.56 3.67
C SER B 72 21.69 -10.49 2.68
N VAL B 73 22.89 -10.00 2.85
CA VAL B 73 23.55 -9.15 1.85
C VAL B 73 24.41 -10.06 0.98
N ILE B 74 24.15 -10.01 -0.32
CA ILE B 74 24.84 -10.86 -1.32
C ILE B 74 26.01 -10.10 -1.87
N ARG B 75 25.85 -8.81 -2.19
CA ARG B 75 26.92 -7.98 -2.76
C ARG B 75 26.66 -6.56 -2.34
N ASP B 76 27.67 -5.82 -1.94
CA ASP B 76 27.57 -4.43 -1.63
C ASP B 76 28.39 -3.56 -2.58
N SER B 77 27.73 -2.71 -3.32
CA SER B 77 28.38 -1.74 -4.14
C SER B 77 27.74 -0.35 -3.96
N LEU B 78 27.12 -0.12 -2.79
CA LEU B 78 26.30 1.08 -2.66
C LEU B 78 27.12 2.36 -2.77
N TYR B 79 28.38 2.29 -2.34
CA TYR B 79 29.26 3.45 -2.39
C TYR B 79 30.36 3.20 -3.38
N VAL B 80 30.17 2.31 -4.33
CA VAL B 80 31.07 2.18 -5.49
C VAL B 80 30.55 3.10 -6.57
N ASP B 81 31.28 4.17 -6.85
CA ASP B 81 30.86 5.20 -7.80
C ASP B 81 30.74 4.51 -9.17
N GLY B 82 29.69 4.87 -9.89
CA GLY B 82 29.37 4.21 -11.14
C GLY B 82 28.54 2.98 -11.02
N ASP B 83 28.21 2.61 -9.79
CA ASP B 83 27.40 1.41 -9.55
C ASP B 83 26.27 1.78 -8.61
N CYS B 84 26.60 1.97 -7.36
CA CYS B 84 25.69 2.44 -6.33
C CYS B 84 24.50 1.50 -6.11
N THR B 85 24.76 0.21 -6.13
CA THR B 85 23.75 -0.81 -5.87
C THR B 85 24.16 -1.74 -4.76
N MET B 86 23.18 -2.45 -4.21
CA MET B 86 23.37 -3.61 -3.40
C MET B 86 22.44 -4.72 -3.80
N ASP B 87 22.88 -5.94 -3.62
CA ASP B 87 22.11 -7.15 -3.85
C ASP B 87 21.84 -7.81 -2.52
N ILE B 88 20.61 -8.09 -2.23
CA ILE B 88 20.10 -8.61 -0.97
C ILE B 88 19.18 -9.77 -1.28
N ARG B 89 18.98 -10.67 -0.32
CA ARG B 89 18.07 -11.81 -0.49
C ARG B 89 17.38 -12.07 0.81
N THR B 90 16.06 -12.36 0.78
CA THR B 90 15.39 -12.73 2.01
C THR B 90 15.95 -14.08 2.47
N LYS B 91 15.83 -14.30 3.78
CA LYS B 91 16.22 -15.58 4.33
C LYS B 91 15.05 -16.53 4.49
N SER B 92 15.18 -17.80 4.16
CA SER B 92 14.10 -18.77 4.36
C SER B 92 14.16 -19.33 5.77
N GLN B 93 13.02 -19.42 6.40
CA GLN B 93 13.01 -20.00 7.74
C GLN B 93 12.77 -21.49 7.69
N GLY B 94 12.10 -22.07 6.70
CA GLY B 94 11.88 -23.51 6.68
C GLY B 94 11.88 -24.11 5.28
N GLY B 95 12.43 -23.41 4.31
CA GLY B 95 12.52 -23.86 2.93
C GLY B 95 11.51 -23.18 2.04
N GLU B 96 10.67 -22.30 2.57
CA GLU B 96 9.82 -21.51 1.68
C GLU B 96 10.71 -20.63 0.83
N PRO B 97 10.18 -20.22 -0.32
CA PRO B 97 11.03 -19.48 -1.25
C PRO B 97 11.59 -18.20 -0.66
N THR B 98 12.78 -17.89 -1.17
CA THR B 98 13.37 -16.61 -0.90
C THR B 98 13.23 -15.74 -2.14
N TYR B 99 13.45 -14.43 -1.91
CA TYR B 99 13.30 -13.45 -2.97
C TYR B 99 14.51 -12.56 -3.03
N ASN B 100 14.95 -12.20 -4.21
CA ASN B 100 16.05 -11.27 -4.37
C ASN B 100 15.52 -9.85 -4.23
N VAL B 101 16.35 -8.99 -3.65
CA VAL B 101 16.13 -7.57 -3.50
C VAL B 101 17.30 -6.80 -4.07
N ALA B 102 17.06 -5.76 -4.82
CA ALA B 102 18.11 -4.87 -5.29
C ALA B 102 17.80 -3.47 -4.76
N VAL B 103 18.88 -2.79 -4.43
CA VAL B 103 18.85 -1.42 -3.98
C VAL B 103 19.73 -0.55 -4.84
N GLY B 104 19.27 0.61 -5.29
CA GLY B 104 20.04 1.58 -5.96
C GLY B 104 20.05 2.88 -5.21
N ARG B 105 21.18 3.54 -5.14
CA ARG B 105 21.31 4.76 -4.38
C ARG B 105 21.58 5.95 -5.28
N ALA B 106 20.61 6.89 -5.32
CA ALA B 106 20.81 8.15 -5.97
C ALA B 106 21.32 9.15 -4.95
N GLY B 107 21.23 10.45 -5.21
CA GLY B 107 21.74 11.40 -4.23
C GLY B 107 20.91 11.59 -3.00
N ARG B 108 19.60 11.46 -3.15
CA ARG B 108 18.66 11.73 -2.07
C ARG B 108 17.79 10.54 -1.72
N VAL B 109 17.68 9.59 -2.65
CA VAL B 109 16.74 8.49 -2.47
C VAL B 109 17.38 7.16 -2.84
N LEU B 110 16.78 6.13 -2.26
CA LEU B 110 17.05 4.75 -2.54
C LEU B 110 15.88 4.17 -3.33
N VAL B 111 16.21 3.34 -4.28
CA VAL B 111 15.30 2.53 -5.08
C VAL B 111 15.38 1.10 -4.60
N PHE B 112 14.26 0.51 -4.19
CA PHE B 112 14.17 -0.85 -3.78
C PHE B 112 13.29 -1.66 -4.74
N VAL B 113 13.72 -2.83 -5.09
CA VAL B 113 12.90 -3.77 -5.87
C VAL B 113 13.05 -5.15 -5.30
N MET B 114 11.94 -5.90 -5.26
CA MET B 114 11.93 -7.31 -4.84
C MET B 114 11.39 -8.15 -5.98
N GLY B 115 12.12 -9.21 -6.37
CA GLY B 115 11.70 -10.12 -7.41
C GLY B 115 10.59 -11.04 -6.97
N LYS B 116 9.77 -11.49 -7.95
CA LYS B 116 8.94 -12.68 -7.81
C LYS B 116 9.80 -13.91 -7.57
N GLU B 117 9.14 -15.01 -7.21
CA GLU B 117 9.85 -16.25 -7.05
C GLU B 117 10.61 -16.58 -8.33
N GLY B 118 11.89 -16.93 -8.15
CA GLY B 118 12.63 -17.46 -9.30
C GLY B 118 13.31 -16.37 -10.08
N VAL B 119 13.00 -15.12 -9.71
CA VAL B 119 13.62 -14.04 -10.47
C VAL B 119 15.00 -13.71 -9.90
N HIS B 120 15.98 -13.84 -10.76
CA HIS B 120 17.36 -13.70 -10.35
C HIS B 120 17.74 -12.25 -10.05
N GLY B 121 18.81 -12.12 -9.26
CA GLY B 121 19.26 -10.79 -8.89
C GLY B 121 19.80 -9.92 -9.97
N GLY B 122 20.39 -10.49 -11.02
CA GLY B 122 21.01 -9.69 -12.04
C GLY B 122 20.10 -8.69 -12.72
N GLY B 123 18.89 -9.13 -13.09
CA GLY B 123 17.98 -8.25 -13.77
C GLY B 123 17.41 -7.20 -12.82
N LEU B 124 17.27 -7.61 -11.56
CA LEU B 124 16.82 -6.67 -10.55
C LEU B 124 17.88 -5.59 -10.32
N ASN B 125 19.13 -6.00 -10.28
CA ASN B 125 20.21 -5.04 -10.12
C ASN B 125 20.22 -4.04 -11.27
N LYS B 126 20.02 -4.52 -12.49
CA LYS B 126 19.95 -3.59 -13.64
C LYS B 126 18.80 -2.59 -13.47
N LYS B 127 17.68 -3.07 -12.97
CA LYS B 127 16.51 -2.20 -12.78
C LYS B 127 16.82 -1.11 -11.76
N ALA B 128 17.37 -1.54 -10.60
CA ALA B 128 17.67 -0.60 -9.54
C ALA B 128 18.76 0.38 -9.94
N TYR B 129 19.82 -0.14 -10.59
CA TYR B 129 20.88 0.68 -11.14
C TYR B 129 20.29 1.77 -12.05
N SER B 130 19.44 1.32 -12.98
CA SER B 130 18.91 2.20 -14.04
C SER B 130 18.07 3.32 -13.46
N MET B 131 17.15 2.96 -12.55
CA MET B 131 16.33 4.02 -11.95
C MET B 131 17.14 4.92 -11.07
N ALA B 132 18.06 4.41 -10.28
CA ALA B 132 18.88 5.28 -9.44
C ALA B 132 19.73 6.21 -10.31
N LYS B 133 20.26 5.70 -11.46
CA LYS B 133 20.98 6.54 -12.38
C LYS B 133 20.10 7.65 -12.97
N TYR B 134 18.89 7.28 -13.41
CA TYR B 134 17.98 8.31 -13.89
C TYR B 134 17.73 9.41 -12.88
N LEU B 135 17.44 8.98 -11.64
CA LEU B 135 17.17 9.94 -10.57
C LEU B 135 18.39 10.81 -10.29
N ARG B 136 19.55 10.13 -10.23
CA ARG B 136 20.79 10.89 -10.02
C ARG B 136 21.00 11.95 -11.08
N ASP B 137 20.82 11.53 -12.34
CA ASP B 137 21.03 12.45 -13.45
C ASP B 137 20.02 13.59 -13.44
N SER B 138 18.90 13.40 -12.79
CA SER B 138 17.83 14.38 -12.61
C SER B 138 17.95 15.23 -11.36
N GLY B 139 19.05 15.04 -10.64
CA GLY B 139 19.24 15.82 -9.43
C GLY B 139 18.73 15.22 -8.16
N PHE B 140 18.34 13.97 -8.15
CA PHE B 140 17.75 13.29 -7.00
C PHE B 140 18.65 12.18 -6.48
N ILE C 1 -12.89 15.64 -7.97
CA ILE C 1 -12.60 15.32 -6.58
C ILE C 1 -11.50 16.24 -6.03
N PRO C 2 -11.69 16.63 -4.79
CA PRO C 2 -10.79 17.54 -4.10
C PRO C 2 -9.48 16.89 -3.66
N PRO C 3 -8.44 17.69 -3.45
CA PRO C 3 -7.18 17.12 -2.92
C PRO C 3 -7.33 16.72 -1.44
N PRO C 4 -6.68 15.67 -0.98
CA PRO C 4 -6.84 15.25 0.41
C PRO C 4 -6.03 16.05 1.42
N PRO C 5 -6.47 15.90 2.65
CA PRO C 5 -5.68 16.47 3.75
C PRO C 5 -4.43 15.62 3.87
N PRO C 6 -3.38 16.20 4.45
CA PRO C 6 -2.08 15.55 4.58
C PRO C 6 -2.21 14.35 5.49
N LEU C 7 -1.48 13.24 5.38
CA LEU C 7 -1.80 12.17 6.32
C LEU C 7 -1.05 12.30 7.65
N ILE C 13 8.18 15.17 1.86
CA ILE C 13 8.55 14.42 0.61
C ILE C 13 8.57 15.37 -0.58
N PRO C 14 9.73 15.48 -1.20
CA PRO C 14 9.90 16.48 -2.28
C PRO C 14 9.20 16.02 -3.55
N PRO C 15 8.74 16.97 -4.36
CA PRO C 15 8.15 16.57 -5.64
C PRO C 15 9.18 15.82 -6.50
N PRO C 16 8.77 14.78 -7.18
CA PRO C 16 9.74 14.03 -8.00
C PRO C 16 10.06 14.79 -9.27
N PRO C 17 11.14 14.38 -9.89
CA PRO C 17 11.51 14.90 -11.18
C PRO C 17 10.60 14.27 -12.25
N PRO C 18 10.53 14.92 -13.39
CA PRO C 18 9.64 14.39 -14.45
C PRO C 18 10.12 13.03 -14.96
N LEU C 19 9.17 12.22 -15.35
CA LEU C 19 9.49 11.00 -16.10
C LEU C 19 9.63 11.32 -17.57
N PRO C 20 10.16 10.40 -18.37
CA PRO C 20 10.28 10.63 -19.83
C PRO C 20 8.95 10.86 -20.50
N GLY C 21 8.91 11.60 -21.63
CA GLY C 21 7.71 11.67 -22.43
C GLY C 21 6.90 12.93 -22.25
#